data_1R71
#
_entry.id   1R71
#
_cell.length_a   110.440
_cell.length_b   110.440
_cell.length_c   160.530
_cell.angle_alpha   90.00
_cell.angle_beta   90.00
_cell.angle_gamma   120.00
#
_symmetry.space_group_name_H-M   'P 32 2 1'
#
loop_
_entity.id
_entity.type
_entity.pdbx_description
1 polymer "5'-D(*AP*(BRU)P*TP*TP*TP*AP*GP*CP*GP*GP*CP*TP*AP*AP*AP*AP*G)-3'"
2 polymer "5'-D(*CP*(BRU)P*TP*TP*TP*AP*GP*CP*CP*GP*CP*TP*AP*AP*AP*AP*(BRU))-3'"
3 polymer 'Transcriptional repressor protein korB'
4 water water
#
loop_
_entity_poly.entity_id
_entity_poly.type
_entity_poly.pdbx_seq_one_letter_code
_entity_poly.pdbx_strand_id
1 'polydeoxyribonucleotide' (DA)(BRU)(DT)(DT)(DT)(DA)(DG)(DC)(DG)(DG)(DC)(DT)(DA)(DA)(DA)(DA)(DG) E,J,G,K
2 'polydeoxyribonucleotide' (DC)(BRU)(DT)(DT)(DT)(DA)(DG)(DC)(DC)(DG)(DC)(DT)(DA)(DA)(DA)(DA)(BRU) I,F,L,H
3 'polypeptide(L)'
;RYRGSKWAGKKSIPAFIDNDYNEADQVIENLQRNELTPREIADFIGRELAKGKKKGDIAKEIGKSPAFITQHVTLLDLPE
KIADAFNTGRVRDVTVVNELVTAFKKRPEEVEAWLDDDTQEITRGTVKLLREFLDEKGRDPNTVDAFNGQTDAERDAEAG
DGQDGEDGDQDGKDAKEK
;
A,B,C,D
#
# COMPACT_ATOMS: atom_id res chain seq x y z
N GLU I 23 14.85 16.95 -13.04
CA GLU I 23 14.66 17.74 -11.79
C GLU I 23 13.29 18.49 -11.83
N ALA I 24 12.47 18.36 -10.78
CA ALA I 24 12.81 17.76 -9.47
C ALA I 24 12.35 16.29 -9.31
N ASP I 25 12.52 15.52 -10.38
CA ASP I 25 12.11 14.14 -10.36
C ASP I 25 13.08 13.39 -9.47
N GLN I 26 14.38 13.62 -9.68
CA GLN I 26 15.42 12.97 -8.86
C GLN I 26 15.16 13.31 -7.41
N VAL I 27 14.68 14.51 -7.17
CA VAL I 27 14.38 14.92 -5.80
C VAL I 27 13.27 14.11 -5.18
N ILE I 28 12.16 14.00 -5.90
CA ILE I 28 10.98 13.25 -5.48
C ILE I 28 11.33 11.76 -5.37
N GLU I 29 12.08 11.26 -6.34
CA GLU I 29 12.61 9.89 -6.30
C GLU I 29 13.50 9.68 -5.06
N ASN I 30 14.57 10.48 -4.92
CA ASN I 30 15.45 10.41 -3.74
C ASN I 30 14.64 10.34 -2.43
N LEU I 31 13.63 11.19 -2.35
CA LEU I 31 12.72 11.25 -1.20
C LEU I 31 11.98 9.92 -1.01
N GLN I 32 11.38 9.40 -2.08
CA GLN I 32 10.62 8.16 -1.95
C GLN I 32 11.55 6.97 -1.61
N ARG I 33 12.86 7.15 -1.88
CA ARG I 33 13.93 6.22 -1.45
C ARG I 33 14.50 6.56 -0.04
N ASN I 34 13.86 7.51 0.65
CA ASN I 34 14.29 8.03 1.96
C ASN I 34 15.80 8.40 2.11
N GLU I 35 16.39 8.93 1.03
CA GLU I 35 17.81 9.30 1.03
C GLU I 35 18.05 10.78 1.38
N LEU I 36 17.07 11.41 2.01
CA LEU I 36 17.10 12.84 2.16
C LEU I 36 16.96 13.25 3.62
N THR I 37 17.67 14.29 4.01
CA THR I 37 17.51 14.78 5.37
C THR I 37 16.25 15.62 5.47
N PRO I 38 15.82 15.90 6.69
CA PRO I 38 14.66 16.76 6.92
C PRO I 38 14.85 18.14 6.34
N ARG I 39 16.07 18.63 6.43
CA ARG I 39 16.35 19.97 5.89
C ARG I 39 16.36 20.00 4.35
N GLU I 40 16.88 18.97 3.73
CA GLU I 40 16.84 18.86 2.27
C GLU I 40 15.39 18.82 1.78
N ILE I 41 14.56 18.08 2.50
CA ILE I 41 13.16 17.97 2.16
C ILE I 41 12.53 19.31 2.36
N ALA I 42 12.75 19.95 3.51
CA ALA I 42 12.25 21.32 3.65
C ALA I 42 12.68 22.27 2.53
N ASP I 43 13.92 22.15 2.08
CA ASP I 43 14.44 23.08 1.05
C ASP I 43 13.74 22.85 -0.27
N PHE I 44 13.56 21.58 -0.64
CA PHE I 44 12.76 21.21 -1.80
C PHE I 44 11.38 21.82 -1.69
N ILE I 45 10.73 21.61 -0.55
CA ILE I 45 9.40 22.19 -0.40
C ILE I 45 9.42 23.71 -0.61
N GLY I 46 10.43 24.39 -0.06
CA GLY I 46 10.55 25.83 -0.20
C GLY I 46 10.65 26.23 -1.66
N ARG I 47 11.41 25.49 -2.44
CA ARG I 47 11.51 25.78 -3.87
C ARG I 47 10.17 25.56 -4.60
N GLU I 48 9.42 24.53 -4.23
CA GLU I 48 8.11 24.31 -4.85
C GLU I 48 7.12 25.46 -4.55
N LEU I 49 7.12 25.92 -3.30
CA LEU I 49 6.34 27.07 -2.89
C LEU I 49 6.71 28.30 -3.69
N ALA I 50 8.02 28.52 -3.87
CA ALA I 50 8.50 29.69 -4.60
C ALA I 50 8.09 29.63 -6.05
N LYS I 51 7.75 28.46 -6.56
CA LYS I 51 7.28 28.33 -7.92
C LYS I 51 5.75 28.57 -8.04
N GLY I 52 5.06 28.67 -6.92
CA GLY I 52 3.62 28.88 -6.90
C GLY I 52 2.77 27.66 -6.56
N LYS I 53 3.40 26.51 -6.30
CA LYS I 53 2.63 25.33 -5.92
C LYS I 53 2.08 25.48 -4.50
N LYS I 54 0.94 24.86 -4.28
CA LYS I 54 0.27 24.87 -3.01
C LYS I 54 0.80 23.71 -2.17
N LYS I 55 0.87 23.93 -0.87
CA LYS I 55 1.27 22.94 0.11
C LYS I 55 0.62 21.57 -0.15
N GLY I 56 -0.66 21.56 -0.50
CA GLY I 56 -1.43 20.33 -0.63
C GLY I 56 -1.05 19.56 -1.88
N ASP I 57 -0.75 20.28 -2.93
CA ASP I 57 -0.28 19.64 -4.17
C ASP I 57 1.19 19.17 -4.05
N ILE I 58 1.99 19.83 -3.21
CA ILE I 58 3.36 19.33 -2.99
C ILE I 58 3.31 18.00 -2.26
N ALA I 59 2.45 17.91 -1.26
CA ALA I 59 2.18 16.66 -0.57
C ALA I 59 1.83 15.52 -1.55
N LYS I 60 0.97 15.79 -2.50
CA LYS I 60 0.56 14.74 -3.42
C LYS I 60 1.69 14.40 -4.39
N GLU I 61 2.45 15.37 -4.88
CA GLU I 61 3.50 15.00 -5.80
C GLU I 61 4.66 14.17 -5.14
N ILE I 62 4.79 14.23 -3.82
CA ILE I 62 5.86 13.46 -3.18
C ILE I 62 5.29 12.29 -2.43
N GLY I 63 3.98 12.14 -2.40
CA GLY I 63 3.36 10.98 -1.78
C GLY I 63 3.27 11.03 -0.25
N LYS I 64 3.19 12.24 0.32
CA LYS I 64 3.11 12.39 1.78
C LYS I 64 1.89 13.20 2.20
N SER I 65 1.67 13.30 3.50
CA SER I 65 0.55 13.98 4.04
C SER I 65 0.73 15.50 4.08
N PRO I 66 -0.37 16.20 4.17
CA PRO I 66 -0.29 17.64 4.39
C PRO I 66 0.46 17.98 5.69
N ALA I 67 0.27 17.21 6.74
CA ALA I 67 1.00 17.48 7.99
C ALA I 67 2.50 17.37 7.84
N PHE I 68 2.93 16.48 6.95
CA PHE I 68 4.36 16.25 6.69
C PHE I 68 4.89 17.55 6.06
N ILE I 69 4.07 18.20 5.24
CA ILE I 69 4.48 19.46 4.59
C ILE I 69 4.62 20.55 5.68
N THR I 70 3.65 20.66 6.57
CA THR I 70 3.70 21.69 7.61
C THR I 70 4.96 21.48 8.45
N GLN I 71 5.21 20.23 8.85
CA GLN I 71 6.34 19.91 9.70
C GLN I 71 7.68 20.34 9.13
N HIS I 72 7.83 20.23 7.83
CA HIS I 72 9.09 20.54 7.19
C HIS I 72 9.25 22.03 6.81
N VAL I 73 8.15 22.66 6.40
CA VAL I 73 8.16 24.10 6.11
C VAL I 73 8.60 24.85 7.35
N THR I 74 8.17 24.45 8.52
CA THR I 74 8.60 25.06 9.78
C THR I 74 10.13 25.19 9.89
N LEU I 75 10.84 24.24 9.30
CA LEU I 75 12.30 24.12 9.41
C LEU I 75 12.98 25.24 8.59
N LEU I 76 12.22 25.87 7.71
CA LEU I 76 12.76 26.88 6.80
C LEU I 76 12.94 28.19 7.56
N ASP I 77 12.19 28.40 8.61
CA ASP I 77 12.22 29.68 9.30
C ASP I 77 12.11 29.55 10.82
N LEU I 78 13.07 28.89 11.44
CA LEU I 78 12.97 28.61 12.87
C LEU I 78 13.38 29.88 13.66
N PRO I 79 12.74 30.16 14.78
CA PRO I 79 13.29 31.12 15.74
C PRO I 79 14.73 30.72 16.13
N GLU I 80 15.59 31.71 16.30
CA GLU I 80 17.02 31.49 16.46
C GLU I 80 17.38 30.44 17.52
N LYS I 81 16.78 30.51 18.67
CA LYS I 81 17.12 29.59 19.74
C LYS I 81 16.79 28.13 19.41
N ILE I 82 15.67 27.91 18.75
CA ILE I 82 15.25 26.59 18.34
C ILE I 82 16.11 26.12 17.22
N ALA I 83 16.52 27.03 16.34
CA ALA I 83 17.36 26.66 15.24
C ALA I 83 18.68 26.20 15.78
N ASP I 84 19.17 26.87 16.82
CA ASP I 84 20.47 26.48 17.34
C ASP I 84 20.38 25.12 18.04
N ALA I 85 19.30 24.90 18.80
CA ALA I 85 19.07 23.62 19.43
C ALA I 85 19.00 22.50 18.36
N PHE I 86 18.35 22.78 17.23
CA PHE I 86 18.23 21.79 16.15
C PHE I 86 19.56 21.58 15.44
N ASN I 87 20.26 22.68 15.13
CA ASN I 87 21.55 22.59 14.48
C ASN I 87 22.66 21.95 15.29
N THR I 88 22.57 21.97 16.61
CA THR I 88 23.60 21.30 17.40
C THR I 88 23.25 19.85 17.72
N GLY I 89 22.06 19.41 17.33
CA GLY I 89 21.66 18.02 17.57
C GLY I 89 21.14 17.92 18.96
N ARG I 90 20.97 19.04 19.64
CA ARG I 90 20.36 18.97 20.95
C ARG I 90 18.85 18.56 20.83
N VAL I 91 18.19 18.97 19.75
CA VAL I 91 16.85 18.46 19.39
C VAL I 91 16.98 17.85 18.03
N ARG I 92 16.57 16.59 17.86
CA ARG I 92 16.63 15.98 16.52
C ARG I 92 15.23 15.51 16.07
N ASP I 93 14.27 15.62 16.95
CA ASP I 93 12.93 15.20 16.64
C ASP I 93 12.16 16.37 15.96
N VAL I 94 11.85 16.20 14.69
CA VAL I 94 11.18 17.24 13.89
C VAL I 94 9.84 17.60 14.51
N THR I 95 9.19 16.59 15.07
CA THR I 95 7.88 16.83 15.69
C THR I 95 8.07 17.75 16.90
N VAL I 96 9.06 17.47 17.73
CA VAL I 96 9.42 18.34 18.85
C VAL I 96 9.87 19.77 18.41
N VAL I 97 10.62 19.88 17.33
CA VAL I 97 10.90 21.18 16.79
C VAL I 97 9.57 21.95 16.53
N ASN I 98 8.62 21.31 15.88
CA ASN I 98 7.29 21.90 15.64
C ASN I 98 6.51 22.24 16.90
N GLU I 99 6.55 21.37 17.89
CA GLU I 99 5.87 21.67 19.14
C GLU I 99 6.55 22.86 19.83
N LEU I 100 7.87 22.97 19.75
CA LEU I 100 8.55 24.12 20.40
C LEU I 100 8.21 25.43 19.66
N VAL I 101 8.17 25.39 18.33
CA VAL I 101 7.80 26.56 17.55
C VAL I 101 6.34 26.97 17.85
N THR I 102 5.43 26.02 17.89
CA THR I 102 4.08 26.35 18.29
C THR I 102 4.05 27.03 19.64
N ALA I 103 4.68 26.43 20.64
CA ALA I 103 4.68 27.02 21.97
C ALA I 103 5.32 28.41 21.93
N PHE I 104 6.36 28.57 21.12
CA PHE I 104 7.13 29.80 21.05
C PHE I 104 6.30 30.96 20.49
N LYS I 105 5.46 30.67 19.50
CA LYS I 105 4.57 31.64 18.88
C LYS I 105 3.65 32.30 19.92
N LYS I 106 3.28 31.57 20.97
CA LYS I 106 2.41 32.13 22.01
C LYS I 106 3.21 32.73 23.17
N ARG I 107 4.20 32.02 23.71
CA ARG I 107 4.94 32.44 24.88
C ARG I 107 6.47 32.43 24.66
N PRO I 108 6.95 33.30 23.79
CA PRO I 108 8.33 33.20 23.32
C PRO I 108 9.37 33.33 24.42
N GLU I 109 9.12 34.20 25.39
CA GLU I 109 10.12 34.48 26.43
C GLU I 109 10.35 33.27 27.30
N GLU I 110 9.26 32.63 27.67
CA GLU I 110 9.32 31.48 28.55
C GLU I 110 9.96 30.27 27.82
N VAL I 111 9.68 30.14 26.52
CA VAL I 111 10.25 29.01 25.77
C VAL I 111 11.75 29.17 25.67
N GLU I 112 12.22 30.37 25.33
CA GLU I 112 13.67 30.67 25.29
C GLU I 112 14.33 30.37 26.63
N ALA I 113 13.66 30.74 27.70
CA ALA I 113 14.18 30.54 29.05
C ALA I 113 14.24 29.05 29.38
N TRP I 114 13.21 28.32 28.96
CA TRP I 114 13.23 26.87 29.13
C TRP I 114 14.44 26.32 28.40
N LEU I 115 14.63 26.74 27.17
CA LEU I 115 15.76 26.26 26.37
C LEU I 115 17.11 26.71 26.93
N ASP I 116 17.13 27.90 27.54
CA ASP I 116 18.36 28.50 28.06
C ASP I 116 19.02 27.66 29.16
N ASP I 117 18.22 26.88 29.89
CA ASP I 117 18.79 25.86 30.78
C ASP I 117 19.40 24.65 29.97
N ASP I 118 20.72 24.60 29.79
CA ASP I 118 21.39 23.56 28.97
C ASP I 118 21.29 22.12 29.49
N THR I 119 21.00 22.00 30.79
CA THR I 119 20.73 20.71 31.46
C THR I 119 19.29 20.21 31.20
N GLN I 120 18.39 21.10 30.76
CA GLN I 120 17.00 20.70 30.44
C GLN I 120 16.97 19.61 29.33
N GLU I 121 16.51 18.42 29.68
CA GLU I 121 16.40 17.36 28.67
C GLU I 121 15.16 17.68 27.81
N ILE I 122 15.32 17.47 26.50
CA ILE I 122 14.28 17.77 25.51
C ILE I 122 13.72 16.50 24.87
N THR I 123 12.54 16.12 25.32
CA THR I 123 11.75 14.98 24.74
C THR I 123 10.31 15.42 24.49
N ARG I 124 9.53 14.55 23.86
CA ARG I 124 8.12 14.85 23.72
C ARG I 124 7.54 15.02 25.08
N GLY I 125 7.96 14.20 26.05
CA GLY I 125 7.41 14.34 27.39
C GLY I 125 7.69 15.70 28.02
N THR I 126 8.95 16.16 27.98
CA THR I 126 9.29 17.40 28.68
C THR I 126 8.67 18.58 27.96
N VAL I 127 8.57 18.50 26.64
CA VAL I 127 7.87 19.58 25.92
C VAL I 127 6.37 19.54 26.25
N LYS I 128 5.77 18.36 26.41
CA LYS I 128 4.36 18.34 26.81
C LYS I 128 4.16 19.01 28.20
N LEU I 129 5.04 18.69 29.16
CA LEU I 129 4.96 19.34 30.48
C LEU I 129 5.11 20.86 30.34
N LEU I 130 6.03 21.30 29.50
CA LEU I 130 6.21 22.71 29.28
C LEU I 130 4.92 23.35 28.77
N ARG I 131 4.30 22.75 27.78
CA ARG I 131 3.11 23.39 27.21
C ARG I 131 1.89 23.33 28.17
N GLU I 132 1.78 22.26 28.95
CA GLU I 132 0.73 22.16 29.95
C GLU I 132 0.91 23.25 31.02
N PHE I 133 2.16 23.56 31.33
CA PHE I 133 2.50 24.62 32.29
C PHE I 133 2.16 26.00 31.73
N LEU I 134 2.37 26.21 30.43
CA LEU I 134 2.19 27.53 29.82
C LEU I 134 0.75 27.87 29.45
N ASP I 135 -0.16 26.89 29.48
CA ASP I 135 -1.51 27.05 28.89
C ASP I 135 -2.60 27.79 29.71
N GLU I 136 -2.84 27.46 30.99
CA GLU I 136 -2.13 26.44 31.76
C GLU I 136 -3.12 25.59 32.56
N TYR J 21 21.25 -8.27 -10.06
CA TYR J 21 20.04 -8.87 -9.43
C TYR J 21 20.45 -9.87 -8.34
N ASN J 22 20.87 -9.31 -7.21
CA ASN J 22 21.20 -10.07 -6.02
C ASN J 22 20.12 -9.85 -4.96
N GLU J 23 19.76 -10.89 -4.23
CA GLU J 23 18.66 -10.81 -3.26
C GLU J 23 18.85 -9.78 -2.14
N ALA J 24 20.00 -9.77 -1.49
CA ALA J 24 20.21 -8.90 -0.32
C ALA J 24 20.35 -7.42 -0.70
N ASP J 25 20.95 -7.17 -1.86
CA ASP J 25 21.06 -5.81 -2.38
C ASP J 25 19.65 -5.30 -2.64
N GLN J 26 18.81 -6.19 -3.18
CA GLN J 26 17.44 -5.82 -3.47
C GLN J 26 16.70 -5.53 -2.19
N VAL J 27 16.91 -6.39 -1.19
CA VAL J 27 16.22 -6.22 0.09
C VAL J 27 16.59 -4.88 0.71
N ILE J 28 17.87 -4.53 0.67
CA ILE J 28 18.32 -3.22 1.13
C ILE J 28 17.56 -2.09 0.44
N GLU J 29 17.54 -2.13 -0.90
CA GLU J 29 16.85 -1.12 -1.69
C GLU J 29 15.35 -1.08 -1.33
N ASN J 30 14.71 -2.25 -1.30
CA ASN J 30 13.26 -2.29 -1.12
C ASN J 30 12.91 -1.91 0.29
N LEU J 31 13.89 -2.11 1.17
CA LEU J 31 13.80 -1.70 2.55
C LEU J 31 13.73 -0.20 2.59
N GLN J 32 14.68 0.45 1.93
CA GLN J 32 14.77 1.90 1.99
C GLN J 32 13.64 2.61 1.20
N ARG J 33 12.98 1.87 0.29
CA ARG J 33 11.76 2.35 -0.39
C ARG J 33 10.47 2.05 0.40
N ASN J 34 10.61 1.43 1.58
CA ASN J 34 9.47 0.99 2.40
C ASN J 34 8.50 0.10 1.59
N GLU J 35 9.03 -0.71 0.68
CA GLU J 35 8.17 -1.50 -0.22
C GLU J 35 8.12 -2.98 0.14
N LEU J 36 8.64 -3.32 1.32
CA LEU J 36 8.58 -4.69 1.83
C LEU J 36 7.61 -4.79 3.01
N THR J 37 6.68 -5.74 2.97
CA THR J 37 5.88 -6.01 4.13
C THR J 37 6.78 -6.63 5.21
N PRO J 38 6.37 -6.54 6.47
CA PRO J 38 6.96 -7.32 7.55
C PRO J 38 7.11 -8.78 7.16
N ARG J 39 6.08 -9.38 6.54
CA ARG J 39 6.15 -10.79 6.16
C ARG J 39 7.23 -11.07 5.09
N GLU J 40 7.44 -10.13 4.18
CA GLU J 40 8.47 -10.29 3.17
C GLU J 40 9.87 -10.21 3.75
N ILE J 41 10.09 -9.28 4.68
CA ILE J 41 11.37 -9.16 5.34
C ILE J 41 11.64 -10.40 6.18
N ALA J 42 10.62 -10.87 6.89
CA ALA J 42 10.74 -12.08 7.69
C ALA J 42 11.13 -13.27 6.80
N ASP J 43 10.46 -13.39 5.65
CA ASP J 43 10.71 -14.47 4.71
C ASP J 43 12.15 -14.43 4.25
N PHE J 44 12.63 -13.26 3.90
CA PHE J 44 14.02 -13.15 3.51
C PHE J 44 14.99 -13.53 4.64
N ILE J 45 14.62 -13.27 5.90
CA ILE J 45 15.51 -13.55 7.00
C ILE J 45 15.56 -15.06 7.17
N GLY J 46 14.40 -15.69 7.05
CA GLY J 46 14.29 -17.15 7.13
C GLY J 46 15.10 -17.89 6.08
N ARG J 47 15.09 -17.38 4.85
CA ARG J 47 15.89 -17.91 3.76
C ARG J 47 17.39 -17.75 4.09
N GLU J 48 17.79 -16.64 4.70
CA GLU J 48 19.19 -16.48 5.09
C GLU J 48 19.55 -17.41 6.25
N LEU J 49 18.60 -17.65 7.14
CA LEU J 49 18.87 -18.50 8.29
C LEU J 49 19.04 -19.97 7.86
N ALA J 50 18.18 -20.41 6.95
CA ALA J 50 18.24 -21.74 6.33
C ALA J 50 19.52 -21.95 5.49
N LYS J 51 20.11 -20.87 4.99
CA LYS J 51 21.41 -20.94 4.30
C LYS J 51 22.56 -20.91 5.30
N GLY J 52 22.25 -21.02 6.59
CA GLY J 52 23.27 -21.05 7.64
C GLY J 52 23.85 -19.73 8.16
N LYS J 53 23.28 -18.60 7.77
CA LYS J 53 23.78 -17.29 8.28
C LYS J 53 23.33 -17.03 9.73
N LYS J 54 24.08 -16.22 10.47
CA LYS J 54 23.68 -15.93 11.86
C LYS J 54 22.86 -14.62 11.93
N LYS J 55 21.82 -14.63 12.74
CA LYS J 55 20.99 -13.44 12.92
C LYS J 55 21.78 -12.13 12.88
N GLY J 56 22.76 -12.00 13.76
CA GLY J 56 23.58 -10.80 13.87
C GLY J 56 24.25 -10.43 12.56
N ASP J 57 24.60 -11.43 11.76
CA ASP J 57 25.19 -11.15 10.45
C ASP J 57 24.14 -10.71 9.44
N ILE J 58 22.94 -11.28 9.52
CA ILE J 58 21.85 -10.89 8.62
C ILE J 58 21.53 -9.41 8.86
N ALA J 59 21.63 -8.97 10.11
CA ALA J 59 21.38 -7.57 10.46
C ALA J 59 22.36 -6.69 9.73
N LYS J 60 23.64 -7.02 9.87
CA LYS J 60 24.70 -6.27 9.23
C LYS J 60 24.57 -6.28 7.72
N GLU J 61 24.19 -7.39 7.10
CA GLU J 61 24.07 -7.42 5.62
C GLU J 61 22.92 -6.53 5.10
N ILE J 62 21.93 -6.23 5.93
CA ILE J 62 20.88 -5.35 5.51
C ILE J 62 20.89 -4.00 6.23
N GLY J 63 21.96 -3.71 6.95
CA GLY J 63 22.09 -2.45 7.66
C GLY J 63 20.98 -2.15 8.67
N LYS J 64 20.44 -3.20 9.30
CA LYS J 64 19.50 -3.04 10.42
C LYS J 64 20.01 -3.57 11.76
N SER J 65 19.22 -3.36 12.83
CA SER J 65 19.65 -3.69 14.15
C SER J 65 19.37 -5.16 14.47
N PRO J 66 20.13 -5.73 15.39
CA PRO J 66 19.84 -7.09 15.87
C PRO J 66 18.40 -7.22 16.34
N ALA J 67 17.86 -6.18 16.99
CA ALA J 67 16.46 -6.20 17.41
C ALA J 67 15.45 -6.30 16.27
N PHE J 68 15.77 -5.63 15.18
CA PHE J 68 14.95 -5.67 13.99
C PHE J 68 14.90 -7.11 13.52
N ILE J 69 16.03 -7.79 13.59
CA ILE J 69 16.05 -9.22 13.23
C ILE J 69 15.13 -10.02 14.17
N THR J 70 15.19 -9.77 15.46
CA THR J 70 14.34 -10.52 16.36
C THR J 70 12.87 -10.34 16.02
N GLN J 71 12.46 -9.08 15.91
CA GLN J 71 11.08 -8.73 15.63
C GLN J 71 10.54 -9.46 14.44
N HIS J 72 11.35 -9.63 13.41
CA HIS J 72 10.84 -10.22 12.21
C HIS J 72 10.86 -11.75 12.20
N VAL J 73 11.86 -12.34 12.86
CA VAL J 73 11.97 -13.80 12.98
C VAL J 73 10.75 -14.30 13.73
N THR J 74 10.29 -13.52 14.69
CA THR J 74 9.08 -13.86 15.39
C THR J 74 7.89 -14.17 14.46
N LEU J 75 7.79 -13.45 13.34
CA LEU J 75 6.61 -13.58 12.47
C LEU J 75 6.64 -14.89 11.69
N LEU J 76 7.78 -15.58 11.74
CA LEU J 76 7.96 -16.83 11.00
C LEU J 76 7.32 -17.99 11.74
N ASP J 77 7.01 -17.81 13.02
CA ASP J 77 6.45 -18.87 13.81
C ASP J 77 5.46 -18.39 14.84
N LEU J 78 4.40 -17.74 14.43
CA LEU J 78 3.45 -17.19 15.39
C LEU J 78 2.46 -18.22 15.95
N PRO J 79 2.15 -18.15 17.24
CA PRO J 79 1.04 -18.93 17.79
C PRO J 79 -0.20 -18.60 17.00
N GLU J 80 -1.06 -19.60 16.79
CA GLU J 80 -2.20 -19.48 15.85
C GLU J 80 -3.08 -18.25 16.07
N LYS J 81 -3.46 -17.97 17.30
CA LYS J 81 -4.38 -16.86 17.59
C LYS J 81 -3.75 -15.45 17.33
N ILE J 82 -2.45 -15.32 17.62
CA ILE J 82 -1.69 -14.11 17.29
C ILE J 82 -1.51 -14.03 15.78
N ALA J 83 -1.23 -15.15 15.11
CA ALA J 83 -1.17 -15.17 13.65
C ALA J 83 -2.48 -14.73 13.01
N ASP J 84 -3.61 -15.08 13.63
CA ASP J 84 -4.92 -14.66 13.10
C ASP J 84 -5.13 -13.16 13.27
N ALA J 85 -4.80 -12.66 14.45
CA ALA J 85 -4.86 -11.22 14.73
C ALA J 85 -4.01 -10.45 13.72
N PHE J 86 -2.86 -10.99 13.36
CA PHE J 86 -2.00 -10.30 12.41
C PHE J 86 -2.45 -10.43 10.96
N ASN J 87 -2.71 -11.67 10.55
CA ASN J 87 -3.07 -11.95 9.16
C ASN J 87 -4.37 -11.27 8.78
N THR J 88 -5.21 -11.02 9.76
CA THR J 88 -6.51 -10.43 9.52
C THR J 88 -6.55 -8.89 9.65
N GLY J 89 -5.36 -8.28 9.87
CA GLY J 89 -5.24 -6.85 10.00
C GLY J 89 -5.78 -6.32 11.31
N ARG J 90 -6.06 -7.21 12.25
CA ARG J 90 -6.53 -6.80 13.58
C ARG J 90 -5.40 -6.23 14.48
N VAL J 91 -4.15 -6.60 14.17
CA VAL J 91 -2.93 -6.05 14.79
C VAL J 91 -2.02 -5.88 13.61
N ARG J 92 -1.53 -4.66 13.39
CA ARG J 92 -0.59 -4.34 12.31
C ARG J 92 0.78 -3.86 12.88
N ASP J 93 0.85 -3.74 14.18
CA ASP J 93 2.02 -3.21 14.83
C ASP J 93 2.95 -4.39 15.21
N VAL J 94 4.05 -4.50 14.47
CA VAL J 94 4.98 -5.63 14.60
C VAL J 94 5.52 -5.71 16.01
N THR J 95 5.61 -4.54 16.65
CA THR J 95 6.11 -4.51 18.01
C THR J 95 5.12 -5.13 18.96
N VAL J 96 3.85 -4.77 18.77
CA VAL J 96 2.74 -5.31 19.53
C VAL J 96 2.64 -6.84 19.35
N VAL J 97 2.78 -7.31 18.13
CA VAL J 97 2.89 -8.73 17.89
C VAL J 97 3.97 -9.34 18.77
N ASN J 98 5.17 -8.78 18.75
CA ASN J 98 6.24 -9.32 19.51
C ASN J 98 5.90 -9.27 20.96
N GLU J 99 5.24 -8.22 21.42
CA GLU J 99 4.88 -8.14 22.84
C GLU J 99 3.84 -9.25 23.19
N LEU J 100 2.89 -9.47 22.29
CA LEU J 100 1.88 -10.54 22.45
C LEU J 100 2.56 -11.90 22.55
N VAL J 101 3.48 -12.20 21.68
CA VAL J 101 4.18 -13.46 21.75
C VAL J 101 4.97 -13.59 23.05
N THR J 102 5.65 -12.54 23.48
CA THR J 102 6.42 -12.61 24.72
C THR J 102 5.52 -12.95 25.90
N ALA J 103 4.41 -12.25 26.01
CA ALA J 103 3.42 -12.48 27.05
C ALA J 103 2.91 -13.92 26.94
N PHE J 104 2.66 -14.35 25.71
CA PHE J 104 2.10 -15.67 25.45
C PHE J 104 3.00 -16.83 25.90
N LYS J 105 4.27 -16.78 25.54
CA LYS J 105 5.26 -17.75 26.00
C LYS J 105 5.17 -17.95 27.53
N LYS J 106 4.86 -16.89 28.27
CA LYS J 106 4.81 -16.96 29.74
C LYS J 106 3.48 -17.45 30.26
N ARG J 107 2.38 -17.04 29.63
CA ARG J 107 1.03 -17.29 30.15
C ARG J 107 0.01 -17.45 29.03
N PRO J 108 0.11 -18.58 28.31
CA PRO J 108 -0.62 -18.81 27.05
C PRO J 108 -2.12 -18.65 27.09
N GLU J 109 -2.82 -19.31 28.02
CA GLU J 109 -4.28 -19.36 27.97
C GLU J 109 -4.83 -17.97 28.28
N GLU J 110 -4.12 -17.26 29.15
CA GLU J 110 -4.57 -15.95 29.58
C GLU J 110 -4.48 -14.93 28.41
N VAL J 111 -3.46 -15.07 27.56
CA VAL J 111 -3.31 -14.23 26.38
C VAL J 111 -4.38 -14.61 25.34
N GLU J 112 -4.64 -15.92 25.16
CA GLU J 112 -5.64 -16.40 24.19
C GLU J 112 -7.02 -15.87 24.51
N ALA J 113 -7.37 -15.87 25.78
CA ALA J 113 -8.70 -15.47 26.20
C ALA J 113 -8.88 -14.01 25.88
N TRP J 114 -7.86 -13.23 26.25
CA TRP J 114 -7.84 -11.78 26.05
C TRP J 114 -8.03 -11.44 24.57
N LEU J 115 -7.42 -12.25 23.71
CA LEU J 115 -7.55 -12.09 22.26
C LEU J 115 -8.89 -12.62 21.73
N ASP J 116 -9.43 -13.66 22.38
CA ASP J 116 -10.69 -14.30 21.92
C ASP J 116 -11.86 -13.34 22.05
N ASP J 117 -11.75 -12.41 22.98
CA ASP J 117 -12.67 -11.28 23.05
C ASP J 117 -12.35 -10.29 21.92
N ASP J 118 -13.14 -10.33 20.83
CA ASP J 118 -12.90 -9.46 19.64
C ASP J 118 -13.30 -7.98 19.82
N THR J 119 -13.96 -7.67 20.93
CA THR J 119 -14.22 -6.28 21.35
C THR J 119 -12.91 -5.55 21.78
N GLN J 120 -11.96 -6.34 22.29
CA GLN J 120 -10.69 -5.82 22.81
C GLN J 120 -9.91 -4.95 21.81
N GLU J 121 -9.74 -3.69 22.18
CA GLU J 121 -8.85 -2.79 21.45
C GLU J 121 -7.41 -3.26 21.67
N ILE J 122 -6.63 -3.29 20.59
CA ILE J 122 -5.22 -3.70 20.66
C ILE J 122 -4.26 -2.56 20.27
N THR J 123 -3.66 -1.95 21.30
CA THR J 123 -2.59 -0.96 21.14
C THR J 123 -1.47 -1.34 22.10
N ARG J 124 -0.38 -0.59 22.07
CA ARG J 124 0.70 -0.78 23.00
C ARG J 124 0.23 -0.48 24.40
N GLY J 125 -0.69 0.48 24.55
CA GLY J 125 -1.15 0.86 25.89
C GLY J 125 -1.93 -0.30 26.54
N THR J 126 -2.68 -0.96 25.70
CA THR J 126 -3.58 -2.00 26.12
C THR J 126 -2.83 -3.31 26.33
N VAL J 127 -1.89 -3.61 25.46
CA VAL J 127 -1.06 -4.78 25.67
C VAL J 127 -0.26 -4.54 26.94
N LYS J 128 0.21 -3.33 27.16
CA LYS J 128 1.06 -3.09 28.32
C LYS J 128 0.26 -3.34 29.61
N LEU J 129 -1.01 -2.93 29.62
CA LEU J 129 -1.85 -3.19 30.79
C LEU J 129 -2.02 -4.70 30.98
N LEU J 130 -2.32 -5.42 29.91
CA LEU J 130 -2.46 -6.86 30.00
C LEU J 130 -1.25 -7.45 30.69
N ARG J 131 -0.05 -7.03 30.28
CA ARG J 131 1.18 -7.60 30.81
C ARG J 131 1.40 -7.23 32.26
N GLU J 132 0.97 -6.03 32.64
CA GLU J 132 1.04 -5.61 34.02
C GLU J 132 0.13 -6.51 34.88
N PHE J 133 -1.11 -6.69 34.45
CA PHE J 133 -2.07 -7.60 35.09
C PHE J 133 -1.49 -9.02 35.22
N LEU J 134 -0.80 -9.49 34.19
CA LEU J 134 -0.26 -10.85 34.18
C LEU J 134 0.94 -11.01 35.11
N ASP J 135 1.81 -10.00 35.15
CA ASP J 135 3.05 -10.09 35.94
C ASP J 135 2.81 -9.63 37.38
N GLU J 136 2.10 -10.44 38.17
CA GLU J 136 1.82 -10.12 39.59
C GLU J 136 1.41 -11.35 40.41
N ALA K 24 -14.97 -16.94 10.30
CA ALA K 24 -14.88 -15.47 10.56
C ALA K 24 -13.55 -14.96 10.02
N ASP K 25 -12.46 -15.17 10.80
CA ASP K 25 -11.09 -14.83 10.36
C ASP K 25 -10.82 -15.52 9.04
N GLN K 26 -11.04 -16.84 9.06
CA GLN K 26 -10.89 -17.74 7.89
C GLN K 26 -11.32 -17.12 6.56
N VAL K 27 -12.40 -16.36 6.61
CA VAL K 27 -12.97 -15.74 5.42
C VAL K 27 -12.12 -14.62 4.82
N ILE K 28 -11.52 -13.78 5.66
CA ILE K 28 -10.76 -12.58 5.21
C ILE K 28 -9.30 -12.93 4.88
N GLU K 29 -8.80 -13.99 5.51
CA GLU K 29 -7.49 -14.52 5.11
C GLU K 29 -7.65 -15.05 3.68
N ASN K 30 -8.69 -15.87 3.42
CA ASN K 30 -8.90 -16.48 2.08
C ASN K 30 -9.21 -15.44 1.02
N LEU K 31 -9.89 -14.37 1.43
CA LEU K 31 -10.18 -13.22 0.55
C LEU K 31 -8.89 -12.45 0.24
N GLN K 32 -8.06 -12.32 1.28
CA GLN K 32 -6.73 -11.71 1.17
C GLN K 32 -5.88 -12.51 0.18
N ARG K 33 -6.10 -13.84 0.12
CA ARG K 33 -5.40 -14.72 -0.83
C ARG K 33 -6.17 -14.97 -2.15
N ASN K 34 -7.23 -14.19 -2.39
CA ASN K 34 -8.04 -14.25 -3.62
C ASN K 34 -8.47 -15.68 -4.02
N GLU K 35 -8.96 -16.43 -3.03
CA GLU K 35 -9.27 -17.86 -3.16
C GLU K 35 -10.78 -18.19 -2.98
N LEU K 36 -11.59 -17.15 -2.87
CA LEU K 36 -13.03 -17.22 -2.80
C LEU K 36 -13.64 -16.82 -4.13
N THR K 37 -14.74 -17.46 -4.55
CA THR K 37 -15.49 -17.02 -5.71
C THR K 37 -16.42 -15.87 -5.31
N PRO K 38 -16.94 -15.18 -6.31
CA PRO K 38 -17.93 -14.11 -6.10
C PRO K 38 -19.10 -14.59 -5.24
N ARG K 39 -19.61 -15.77 -5.56
CA ARG K 39 -20.75 -16.35 -4.85
C ARG K 39 -20.44 -16.66 -3.37
N GLU K 40 -19.25 -17.18 -3.07
CA GLU K 40 -18.87 -17.42 -1.68
C GLU K 40 -18.76 -16.10 -0.90
N ILE K 41 -18.29 -15.04 -1.57
CA ILE K 41 -18.17 -13.75 -0.93
C ILE K 41 -19.57 -13.13 -0.71
N ALA K 42 -20.44 -13.27 -1.68
CA ALA K 42 -21.82 -12.83 -1.48
C ALA K 42 -22.44 -13.57 -0.31
N ASP K 43 -22.31 -14.91 -0.25
CA ASP K 43 -22.96 -15.66 0.82
C ASP K 43 -22.40 -15.23 2.16
N PHE K 44 -21.13 -14.89 2.22
CA PHE K 44 -20.59 -14.43 3.48
C PHE K 44 -21.23 -13.09 3.86
N ILE K 45 -21.40 -12.22 2.89
CA ILE K 45 -22.03 -10.94 3.13
C ILE K 45 -23.49 -11.16 3.58
N GLY K 46 -24.19 -12.10 2.97
CA GLY K 46 -25.52 -12.48 3.41
C GLY K 46 -25.52 -12.81 4.90
N ARG K 47 -24.65 -13.72 5.32
CA ARG K 47 -24.61 -14.13 6.69
C ARG K 47 -24.33 -12.95 7.62
N GLU K 48 -23.40 -12.08 7.24
CA GLU K 48 -23.11 -10.90 8.05
C GLU K 48 -24.33 -9.95 8.17
N LEU K 49 -25.06 -9.78 7.07
CA LEU K 49 -26.27 -8.96 7.02
C LEU K 49 -27.40 -9.56 7.91
N ALA K 50 -27.46 -10.89 7.98
CA ALA K 50 -28.44 -11.61 8.78
C ALA K 50 -28.20 -11.35 10.26
N LYS K 51 -26.95 -11.15 10.65
CA LYS K 51 -26.61 -10.82 12.02
C LYS K 51 -26.83 -9.32 12.36
N GLY K 52 -27.29 -8.53 11.39
CA GLY K 52 -27.52 -7.11 11.62
C GLY K 52 -26.33 -6.18 11.41
N LYS K 53 -25.24 -6.67 10.81
CA LYS K 53 -24.13 -5.78 10.45
C LYS K 53 -24.59 -4.95 9.25
N LYS K 54 -24.12 -3.72 9.17
CA LYS K 54 -24.52 -2.86 8.07
C LYS K 54 -23.55 -3.03 6.89
N LYS K 55 -24.05 -2.85 5.68
CA LYS K 55 -23.21 -3.00 4.49
C LYS K 55 -21.88 -2.27 4.59
N GLY K 56 -21.90 -1.04 5.13
CA GLY K 56 -20.71 -0.19 5.17
C GLY K 56 -19.71 -0.73 6.17
N ASP K 57 -20.21 -1.35 7.22
CA ASP K 57 -19.34 -2.04 8.18
C ASP K 57 -18.77 -3.38 7.65
N ILE K 58 -19.49 -4.10 6.79
CA ILE K 58 -18.95 -5.33 6.21
C ILE K 58 -17.81 -4.90 5.25
N ALA K 59 -18.06 -3.84 4.47
CA ALA K 59 -17.00 -3.28 3.64
C ALA K 59 -15.72 -3.06 4.41
N LYS K 60 -15.79 -2.37 5.55
CA LYS K 60 -14.57 -2.09 6.35
C LYS K 60 -13.94 -3.34 6.95
N GLU K 61 -14.75 -4.25 7.47
CA GLU K 61 -14.23 -5.47 8.09
C GLU K 61 -13.46 -6.35 7.08
N ILE K 62 -13.82 -6.32 5.79
CA ILE K 62 -13.05 -7.09 4.82
C ILE K 62 -12.09 -6.23 3.97
N GLY K 63 -11.94 -4.95 4.27
CA GLY K 63 -11.02 -4.10 3.52
C GLY K 63 -11.41 -3.82 2.06
N LYS K 64 -12.70 -3.81 1.76
CA LYS K 64 -13.22 -3.49 0.41
C LYS K 64 -14.12 -2.27 0.43
N SER K 65 -14.47 -1.81 -0.76
CA SER K 65 -15.29 -0.65 -0.91
C SER K 65 -16.82 -0.94 -0.72
N PRO K 66 -17.61 0.09 -0.39
CA PRO K 66 -19.07 -0.07 -0.37
C PRO K 66 -19.61 -0.57 -1.66
N ALA K 67 -19.06 -0.13 -2.77
CA ALA K 67 -19.53 -0.59 -4.06
C ALA K 67 -19.33 -2.12 -4.29
N PHE K 68 -18.21 -2.64 -3.79
CA PHE K 68 -17.92 -4.07 -3.81
C PHE K 68 -19.05 -4.80 -3.09
N ILE K 69 -19.40 -4.29 -1.91
CA ILE K 69 -20.50 -4.85 -1.14
C ILE K 69 -21.79 -4.89 -1.97
N THR K 70 -22.13 -3.80 -2.63
CA THR K 70 -23.33 -3.76 -3.48
C THR K 70 -23.32 -4.81 -4.55
N GLN K 71 -22.19 -4.86 -5.28
CA GLN K 71 -22.03 -5.78 -6.41
C GLN K 71 -22.24 -7.22 -5.99
N HIS K 72 -21.79 -7.57 -4.81
CA HIS K 72 -21.92 -8.94 -4.35
C HIS K 72 -23.28 -9.24 -3.68
N VAL K 73 -23.88 -8.28 -2.98
CA VAL K 73 -25.24 -8.45 -2.45
C VAL K 73 -26.19 -8.75 -3.59
N THR K 74 -26.01 -8.10 -4.72
CA THR K 74 -26.91 -8.31 -5.83
C THR K 74 -26.99 -9.79 -6.24
N LEU K 75 -25.88 -10.52 -6.04
CA LEU K 75 -25.78 -11.92 -6.46
C LEU K 75 -26.66 -12.87 -5.61
N LEU K 76 -27.01 -12.42 -4.41
CA LEU K 76 -27.86 -13.14 -3.49
C LEU K 76 -29.32 -13.30 -3.97
N ASP K 77 -29.81 -12.39 -4.78
CA ASP K 77 -31.22 -12.42 -5.16
C ASP K 77 -31.35 -11.99 -6.60
N LEU K 78 -30.90 -12.81 -7.50
CA LEU K 78 -30.86 -12.45 -8.91
C LEU K 78 -32.15 -12.92 -9.58
N PRO K 79 -32.66 -12.14 -10.54
CA PRO K 79 -33.75 -12.63 -11.40
C PRO K 79 -33.34 -13.95 -12.06
N GLU K 80 -34.30 -14.85 -12.20
CA GLU K 80 -34.03 -16.22 -12.62
C GLU K 80 -33.12 -16.30 -13.85
N LYS K 81 -33.37 -15.47 -14.87
CA LYS K 81 -32.68 -15.63 -16.16
C LYS K 81 -31.22 -15.18 -16.06
N ILE K 82 -31.00 -14.14 -15.26
CA ILE K 82 -29.67 -13.62 -15.03
C ILE K 82 -28.93 -14.57 -14.10
N ALA K 83 -29.65 -15.22 -13.20
CA ALA K 83 -29.03 -16.17 -12.31
C ALA K 83 -28.49 -17.37 -13.08
N ASP K 84 -29.19 -17.76 -14.15
CA ASP K 84 -28.76 -18.91 -14.94
C ASP K 84 -27.50 -18.48 -15.68
N ALA K 85 -27.61 -17.39 -16.42
CA ALA K 85 -26.47 -16.80 -17.13
C ALA K 85 -25.19 -16.83 -16.28
N PHE K 86 -25.29 -16.51 -15.01
CA PHE K 86 -24.13 -16.40 -14.15
C PHE K 86 -23.65 -17.76 -13.64
N ASN K 87 -24.59 -18.58 -13.15
CA ASN K 87 -24.29 -19.93 -12.59
C ASN K 87 -23.80 -20.95 -13.66
N THR K 88 -24.24 -20.79 -14.90
CA THR K 88 -23.70 -21.56 -16.02
C THR K 88 -22.31 -21.07 -16.48
N GLY K 89 -22.02 -19.78 -16.31
CA GLY K 89 -20.77 -19.22 -16.82
C GLY K 89 -20.94 -18.53 -18.16
N ARG K 90 -22.15 -18.31 -18.61
CA ARG K 90 -22.33 -17.49 -19.80
C ARG K 90 -21.91 -16.01 -19.55
N VAL K 91 -22.04 -15.55 -18.30
CA VAL K 91 -21.61 -14.20 -17.90
C VAL K 91 -20.80 -14.43 -16.66
N ARG K 92 -19.55 -13.99 -16.69
CA ARG K 92 -18.63 -14.17 -15.58
C ARG K 92 -18.30 -12.82 -14.92
N ASP K 93 -18.64 -11.73 -15.59
CA ASP K 93 -18.31 -10.37 -15.16
C ASP K 93 -19.34 -9.86 -14.14
N VAL K 94 -18.96 -9.82 -12.87
CA VAL K 94 -19.85 -9.38 -11.79
C VAL K 94 -20.45 -8.01 -12.07
N THR K 95 -19.68 -7.15 -12.73
CA THR K 95 -20.09 -5.80 -13.01
C THR K 95 -21.22 -5.84 -14.03
N VAL K 96 -21.07 -6.70 -15.04
CA VAL K 96 -22.09 -6.90 -16.04
C VAL K 96 -23.36 -7.53 -15.44
N VAL K 97 -23.21 -8.47 -14.51
CA VAL K 97 -24.38 -9.02 -13.85
C VAL K 97 -25.11 -7.87 -13.16
N ASN K 98 -24.35 -6.98 -12.54
CA ASN K 98 -24.93 -5.84 -11.86
C ASN K 98 -25.58 -4.86 -12.82
N GLU K 99 -25.05 -4.68 -14.01
CA GLU K 99 -25.67 -3.79 -15.00
C GLU K 99 -26.96 -4.38 -15.58
N LEU K 100 -26.96 -5.68 -15.81
CA LEU K 100 -28.11 -6.36 -16.33
C LEU K 100 -29.29 -6.24 -15.35
N VAL K 101 -29.02 -6.44 -14.08
CA VAL K 101 -30.04 -6.38 -13.05
C VAL K 101 -30.63 -4.98 -12.91
N THR K 102 -29.79 -3.95 -13.01
CA THR K 102 -30.25 -2.58 -12.94
C THR K 102 -31.19 -2.29 -14.09
N ALA K 103 -30.86 -2.81 -15.26
CA ALA K 103 -31.66 -2.62 -16.45
C ALA K 103 -32.96 -3.42 -16.32
N PHE K 104 -32.89 -4.54 -15.63
CA PHE K 104 -34.04 -5.42 -15.51
C PHE K 104 -35.07 -4.87 -14.49
N LYS K 105 -34.64 -4.09 -13.52
CA LYS K 105 -35.56 -3.48 -12.56
C LYS K 105 -36.45 -2.51 -13.32
N LYS K 106 -35.92 -1.92 -14.39
CA LYS K 106 -36.59 -0.85 -15.11
C LYS K 106 -37.35 -1.31 -16.35
N ARG K 107 -36.99 -2.47 -16.92
CA ARG K 107 -37.66 -2.95 -18.13
C ARG K 107 -37.57 -4.49 -18.20
N PRO K 108 -38.17 -5.16 -17.24
CA PRO K 108 -38.03 -6.62 -17.07
C PRO K 108 -38.19 -7.52 -18.30
N GLU K 109 -39.11 -7.18 -19.22
CA GLU K 109 -39.40 -8.08 -20.35
C GLU K 109 -38.41 -7.92 -21.51
N GLU K 110 -38.01 -6.69 -21.81
CA GLU K 110 -37.02 -6.47 -22.86
C GLU K 110 -35.66 -7.11 -22.52
N VAL K 111 -35.18 -6.92 -21.30
CA VAL K 111 -33.90 -7.48 -20.86
C VAL K 111 -34.00 -9.01 -20.88
N GLU K 112 -35.15 -9.53 -20.43
CA GLU K 112 -35.41 -10.97 -20.46
C GLU K 112 -35.37 -11.53 -21.89
N ALA K 113 -35.88 -10.76 -22.83
CA ALA K 113 -35.94 -11.19 -24.22
C ALA K 113 -34.53 -11.27 -24.78
N TRP K 114 -33.78 -10.18 -24.62
CA TRP K 114 -32.36 -10.06 -25.00
C TRP K 114 -31.52 -11.25 -24.55
N LEU K 115 -31.67 -11.66 -23.30
CA LEU K 115 -30.92 -12.82 -22.81
C LEU K 115 -31.40 -14.17 -23.41
N ASP K 116 -32.71 -14.31 -23.66
CA ASP K 116 -33.28 -15.55 -24.21
C ASP K 116 -32.63 -15.95 -25.55
N ASP K 117 -32.16 -14.96 -26.30
CA ASP K 117 -31.32 -15.18 -27.50
C ASP K 117 -29.95 -15.78 -27.11
N ASP K 118 -29.76 -17.09 -27.36
CA ASP K 118 -28.52 -17.79 -26.94
C ASP K 118 -27.26 -17.42 -27.73
N THR K 119 -27.41 -16.67 -28.82
CA THR K 119 -26.27 -16.19 -29.62
C THR K 119 -25.78 -14.83 -29.12
N GLN K 120 -26.61 -14.15 -28.34
CA GLN K 120 -26.32 -12.80 -27.86
C GLN K 120 -25.02 -12.80 -27.08
N GLU K 121 -24.06 -12.02 -27.55
CA GLU K 121 -22.81 -11.88 -26.80
C GLU K 121 -23.00 -10.82 -25.72
N ILE K 122 -22.50 -11.14 -24.54
CA ILE K 122 -22.72 -10.29 -23.38
C ILE K 122 -21.40 -9.71 -22.87
N THR K 123 -21.19 -8.43 -23.15
CA THR K 123 -19.99 -7.69 -22.70
C THR K 123 -20.45 -6.35 -22.17
N ARG K 124 -19.54 -5.62 -21.53
CA ARG K 124 -19.88 -4.29 -21.05
C ARG K 124 -20.39 -3.45 -22.20
N GLY K 125 -19.76 -3.60 -23.36
CA GLY K 125 -20.16 -2.89 -24.58
C GLY K 125 -21.57 -3.19 -25.08
N THR K 126 -21.92 -4.47 -25.25
CA THR K 126 -23.26 -4.85 -25.72
C THR K 126 -24.30 -4.51 -24.69
N VAL K 127 -23.96 -4.67 -23.42
CA VAL K 127 -24.89 -4.26 -22.37
C VAL K 127 -25.09 -2.75 -22.34
N LYS K 128 -24.04 -1.99 -22.59
CA LYS K 128 -24.16 -0.53 -22.66
C LYS K 128 -25.14 -0.12 -23.78
N LEU K 129 -25.02 -0.77 -24.95
CA LEU K 129 -25.92 -0.51 -26.07
C LEU K 129 -27.36 -0.82 -25.69
N LEU K 130 -27.55 -1.93 -24.99
CA LEU K 130 -28.86 -2.35 -24.55
C LEU K 130 -29.54 -1.29 -23.68
N ARG K 131 -28.78 -0.71 -22.76
CA ARG K 131 -29.32 0.27 -21.81
C ARG K 131 -29.61 1.61 -22.48
N GLU K 132 -28.67 2.05 -23.32
CA GLU K 132 -28.86 3.22 -24.19
C GLU K 132 -30.15 3.07 -25.02
N PHE K 133 -30.36 1.88 -25.57
CA PHE K 133 -31.47 1.61 -26.47
C PHE K 133 -32.82 1.73 -25.75
N LEU K 134 -32.81 1.60 -24.43
CA LEU K 134 -34.03 1.82 -23.65
C LEU K 134 -34.15 3.31 -23.28
N ASP K 135 -34.74 4.07 -24.21
CA ASP K 135 -34.95 5.52 -24.07
C ASP K 135 -35.97 6.05 -25.09
N ASN L 22 11.78 -20.41 -0.22
CA ASN L 22 11.85 -20.41 -1.72
C ASN L 22 11.15 -19.16 -2.29
N GLU L 23 11.83 -18.43 -3.15
CA GLU L 23 11.35 -17.13 -3.62
C GLU L 23 10.17 -17.23 -4.59
N ALA L 24 10.29 -18.12 -5.58
CA ALA L 24 9.20 -18.39 -6.52
C ALA L 24 7.88 -18.62 -5.78
N ASP L 25 7.92 -19.43 -4.73
CA ASP L 25 6.74 -19.69 -3.91
C ASP L 25 6.25 -18.43 -3.23
N GLN L 26 7.21 -17.64 -2.73
CA GLN L 26 6.81 -16.42 -2.03
C GLN L 26 6.31 -15.44 -3.07
N VAL L 27 6.87 -15.44 -4.27
CA VAL L 27 6.24 -14.62 -5.34
C VAL L 27 4.83 -15.11 -5.61
N ILE L 28 4.67 -16.42 -5.83
CA ILE L 28 3.32 -16.99 -5.94
C ILE L 28 2.40 -16.58 -4.79
N GLU L 29 2.85 -16.82 -3.56
CA GLU L 29 1.98 -16.55 -2.39
C GLU L 29 1.72 -15.06 -2.28
N ASN L 30 2.80 -14.27 -2.36
CA ASN L 30 2.69 -12.79 -2.29
C ASN L 30 1.96 -12.21 -3.49
N LEU L 31 1.81 -13.00 -4.56
CA LEU L 31 1.04 -12.55 -5.74
C LEU L 31 -0.42 -12.59 -5.41
N GLN L 32 -0.89 -13.70 -4.88
CA GLN L 32 -2.31 -13.78 -4.50
C GLN L 32 -2.75 -12.79 -3.40
N ARG L 33 -1.83 -11.99 -2.86
CA ARG L 33 -2.13 -11.07 -1.73
C ARG L 33 -2.65 -9.58 -1.93
N ASN L 34 -2.15 -8.69 -2.81
CA ASN L 34 -0.94 -8.75 -3.68
C ASN L 34 -0.05 -7.71 -3.06
N GLU L 35 0.99 -8.16 -2.37
CA GLU L 35 1.87 -7.25 -1.69
C GLU L 35 3.20 -7.08 -2.40
N LEU L 36 3.25 -7.37 -3.69
CA LEU L 36 4.47 -7.14 -4.48
C LEU L 36 4.28 -5.98 -5.43
N THR L 37 5.30 -5.17 -5.56
CA THR L 37 5.23 -4.03 -6.43
C THR L 37 5.60 -4.51 -7.82
N PRO L 38 5.22 -3.78 -8.85
CA PRO L 38 5.62 -4.13 -10.21
C PRO L 38 7.12 -4.24 -10.46
N ARG L 39 7.89 -3.39 -9.78
CA ARG L 39 9.34 -3.47 -9.87
C ARG L 39 9.83 -4.73 -9.18
N GLU L 40 9.28 -5.07 -8.02
CA GLU L 40 9.80 -6.23 -7.34
C GLU L 40 9.55 -7.49 -8.17
N ILE L 41 8.46 -7.50 -8.94
CA ILE L 41 8.14 -8.63 -9.75
C ILE L 41 9.06 -8.60 -10.94
N ALA L 42 9.25 -7.41 -11.50
CA ALA L 42 10.24 -7.29 -12.58
C ALA L 42 11.60 -7.79 -12.16
N ASP L 43 11.99 -7.50 -10.92
CA ASP L 43 13.30 -7.94 -10.41
C ASP L 43 13.41 -9.43 -10.27
N PHE L 44 12.37 -10.03 -9.70
CA PHE L 44 12.34 -11.49 -9.61
C PHE L 44 12.50 -12.08 -10.98
N ILE L 45 11.85 -11.51 -11.97
CA ILE L 45 11.95 -12.07 -13.31
C ILE L 45 13.38 -11.89 -13.82
N GLY L 46 13.99 -10.75 -13.55
CA GLY L 46 15.36 -10.48 -13.91
C GLY L 46 16.26 -11.55 -13.34
N ARG L 47 16.12 -11.84 -12.05
CA ARG L 47 16.93 -12.88 -11.42
C ARG L 47 16.76 -14.20 -12.14
N GLU L 48 15.51 -14.59 -12.43
CA GLU L 48 15.27 -15.90 -13.05
C GLU L 48 15.87 -15.94 -14.43
N LEU L 49 15.86 -14.82 -15.13
CA LEU L 49 16.41 -14.75 -16.49
C LEU L 49 17.95 -14.91 -16.46
N ALA L 50 18.60 -14.34 -15.44
CA ALA L 50 20.05 -14.41 -15.22
C ALA L 50 20.52 -15.83 -14.91
N LYS L 51 19.65 -16.65 -14.34
CA LYS L 51 19.93 -18.05 -14.11
C LYS L 51 19.58 -18.91 -15.33
N GLY L 52 19.26 -18.26 -16.45
CA GLY L 52 19.07 -18.94 -17.73
C GLY L 52 17.70 -19.52 -17.99
N LYS L 53 16.73 -19.28 -17.09
CA LYS L 53 15.33 -19.67 -17.40
C LYS L 53 14.76 -18.83 -18.53
N LYS L 54 13.88 -19.45 -19.29
CA LYS L 54 13.20 -18.82 -20.40
C LYS L 54 11.97 -18.04 -19.85
N LYS L 55 11.54 -17.03 -20.60
CA LYS L 55 10.39 -16.25 -20.23
C LYS L 55 9.09 -17.09 -20.07
N GLY L 56 8.78 -17.93 -21.05
CA GLY L 56 7.61 -18.79 -21.00
C GLY L 56 7.58 -19.72 -19.78
N ASP L 57 8.73 -20.16 -19.34
CA ASP L 57 8.81 -21.02 -18.19
C ASP L 57 8.69 -20.25 -16.86
N ILE L 58 9.18 -19.01 -16.80
CA ILE L 58 8.93 -18.16 -15.66
C ILE L 58 7.41 -17.93 -15.58
N ALA L 59 6.76 -17.58 -16.68
CA ALA L 59 5.32 -17.44 -16.67
C ALA L 59 4.66 -18.64 -15.95
N LYS L 60 4.99 -19.85 -16.42
CA LYS L 60 4.39 -21.08 -15.90
C LYS L 60 4.70 -21.33 -14.44
N GLU L 61 5.91 -21.04 -14.04
CA GLU L 61 6.28 -21.32 -12.70
C GLU L 61 5.60 -20.40 -11.71
N ILE L 62 5.13 -19.23 -12.14
CA ILE L 62 4.38 -18.41 -11.22
C ILE L 62 2.90 -18.37 -11.50
N GLY L 63 2.44 -19.13 -12.48
CA GLY L 63 1.03 -19.18 -12.80
C GLY L 63 0.53 -17.92 -13.46
N LYS L 64 1.41 -17.28 -14.25
CA LYS L 64 1.00 -16.11 -15.01
C LYS L 64 1.19 -16.31 -16.49
N SER L 65 0.62 -15.40 -17.29
CA SER L 65 0.70 -15.44 -18.73
C SER L 65 2.05 -14.94 -19.30
N PRO L 66 2.43 -15.40 -20.49
CA PRO L 66 3.62 -14.85 -21.16
C PRO L 66 3.54 -13.30 -21.29
N ALA L 67 2.37 -12.74 -21.59
CA ALA L 67 2.23 -11.29 -21.64
C ALA L 67 2.60 -10.57 -20.32
N PHE L 68 2.20 -11.14 -19.21
CA PHE L 68 2.52 -10.58 -17.93
C PHE L 68 4.02 -10.49 -17.79
N ILE L 69 4.72 -11.55 -18.21
CA ILE L 69 6.19 -11.54 -18.17
C ILE L 69 6.75 -10.36 -19.01
N THR L 70 6.30 -10.18 -20.22
CA THR L 70 6.74 -9.08 -21.05
C THR L 70 6.54 -7.76 -20.36
N GLN L 71 5.36 -7.59 -19.81
CA GLN L 71 5.00 -6.31 -19.25
C GLN L 71 5.93 -5.95 -18.14
N HIS L 72 6.33 -6.95 -17.39
CA HIS L 72 7.18 -6.68 -16.27
C HIS L 72 8.70 -6.55 -16.66
N VAL L 73 9.12 -7.32 -17.66
CA VAL L 73 10.49 -7.22 -18.17
C VAL L 73 10.76 -5.82 -18.71
N THR L 74 9.80 -5.22 -19.40
CA THR L 74 9.95 -3.84 -19.87
C THR L 74 10.46 -2.89 -18.76
N LEU L 75 9.94 -3.06 -17.54
CA LEU L 75 10.27 -2.20 -16.41
C LEU L 75 11.76 -2.26 -16.02
N LEU L 76 12.47 -3.30 -16.43
CA LEU L 76 13.90 -3.40 -16.07
C LEU L 76 14.79 -2.40 -16.81
N ASP L 77 14.31 -1.85 -17.92
CA ASP L 77 15.10 -0.84 -18.58
C ASP L 77 14.25 0.06 -19.40
N LEU L 78 13.65 1.02 -18.72
CA LEU L 78 12.76 1.93 -19.39
C LEU L 78 13.63 3.09 -19.91
N PRO L 79 13.23 3.70 -21.02
CA PRO L 79 13.78 4.99 -21.44
C PRO L 79 13.60 6.01 -20.33
N GLU L 80 14.50 6.98 -20.26
CA GLU L 80 14.61 7.89 -19.12
C GLU L 80 13.31 8.61 -18.80
N LYS L 81 12.68 9.19 -19.79
CA LYS L 81 11.47 9.94 -19.53
C LYS L 81 10.32 9.08 -19.00
N ILE L 82 10.13 7.89 -19.59
CA ILE L 82 9.06 6.98 -19.16
C ILE L 82 9.36 6.55 -17.75
N ALA L 83 10.63 6.28 -17.49
CA ALA L 83 11.06 5.90 -16.17
C ALA L 83 10.72 6.95 -15.13
N ASP L 84 10.97 8.23 -15.45
CA ASP L 84 10.67 9.32 -14.53
C ASP L 84 9.18 9.38 -14.29
N ALA L 85 8.41 9.28 -15.37
CA ALA L 85 6.96 9.36 -15.27
C ALA L 85 6.43 8.19 -14.40
N PHE L 86 7.01 7.00 -14.55
CA PHE L 86 6.63 5.87 -13.72
C PHE L 86 7.11 6.07 -12.29
N ASN L 87 8.42 6.32 -12.12
CA ASN L 87 8.97 6.44 -10.79
C ASN L 87 8.39 7.64 -10.00
N THR L 88 7.75 8.62 -10.65
CA THR L 88 7.20 9.75 -9.90
C THR L 88 5.73 9.59 -9.60
N GLY L 89 5.16 8.47 -10.06
CA GLY L 89 3.73 8.25 -9.83
C GLY L 89 2.89 8.98 -10.82
N ARG L 90 3.48 9.59 -11.83
CA ARG L 90 2.67 10.26 -12.85
C ARG L 90 2.00 9.23 -13.80
N VAL L 91 2.62 8.06 -13.97
CA VAL L 91 1.96 6.89 -14.57
C VAL L 91 2.04 5.79 -13.55
N ARG L 92 0.92 5.13 -13.30
CA ARG L 92 0.88 4.03 -12.34
C ARG L 92 0.38 2.73 -13.04
N ASP L 93 0.00 2.83 -14.29
CA ASP L 93 -0.66 1.74 -15.01
C ASP L 93 0.40 1.03 -15.86
N VAL L 94 0.79 -0.16 -15.44
CA VAL L 94 1.85 -0.95 -16.10
C VAL L 94 1.59 -1.15 -17.58
N THR L 95 0.32 -1.25 -17.92
CA THR L 95 -0.03 -1.40 -19.31
C THR L 95 0.29 -0.12 -20.11
N VAL L 96 -0.06 1.03 -19.54
CA VAL L 96 0.28 2.30 -20.14
C VAL L 96 1.78 2.48 -20.30
N VAL L 97 2.56 2.14 -19.29
CA VAL L 97 4.00 2.18 -19.42
C VAL L 97 4.45 1.42 -20.66
N ASN L 98 3.95 0.20 -20.83
CA ASN L 98 4.32 -0.65 -21.95
C ASN L 98 3.89 -0.05 -23.26
N GLU L 99 2.69 0.50 -23.29
CA GLU L 99 2.20 1.17 -24.48
C GLU L 99 3.09 2.40 -24.82
N LEU L 100 3.54 3.12 -23.79
CA LEU L 100 4.44 4.25 -24.01
C LEU L 100 5.79 3.76 -24.59
N VAL L 101 6.37 2.72 -23.99
CA VAL L 101 7.65 2.20 -24.45
C VAL L 101 7.54 1.81 -25.92
N THR L 102 6.46 1.13 -26.27
CA THR L 102 6.22 0.69 -27.64
C THR L 102 6.19 1.86 -28.61
N ALA L 103 5.47 2.94 -28.25
CA ALA L 103 5.39 4.14 -29.08
C ALA L 103 6.77 4.77 -29.20
N PHE L 104 7.44 4.89 -28.08
CA PHE L 104 8.76 5.44 -28.03
C PHE L 104 9.79 4.69 -28.88
N LYS L 105 9.62 3.38 -29.05
CA LYS L 105 10.62 2.59 -29.78
C LYS L 105 10.63 3.14 -31.19
N LYS L 106 9.44 3.47 -31.68
CA LYS L 106 9.28 3.92 -33.05
C LYS L 106 9.43 5.44 -33.23
N ARG L 107 9.03 6.24 -32.24
CA ARG L 107 9.03 7.70 -32.36
C ARG L 107 9.51 8.38 -31.07
N PRO L 108 10.75 8.12 -30.72
CA PRO L 108 11.27 8.49 -29.40
C PRO L 108 11.28 9.98 -29.04
N GLU L 109 11.32 10.88 -30.01
CA GLU L 109 11.40 12.31 -29.70
C GLU L 109 10.00 12.89 -29.57
N GLU L 110 9.09 12.41 -30.39
CA GLU L 110 7.70 12.85 -30.33
C GLU L 110 7.06 12.43 -28.98
N VAL L 111 7.35 11.21 -28.54
CA VAL L 111 6.85 10.69 -27.27
C VAL L 111 7.45 11.46 -26.12
N GLU L 112 8.74 11.79 -26.23
CA GLU L 112 9.42 12.59 -25.17
C GLU L 112 8.80 13.99 -25.07
N ALA L 113 8.44 14.56 -26.22
CA ALA L 113 7.84 15.89 -26.26
C ALA L 113 6.50 15.89 -25.53
N TRP L 114 5.69 14.88 -25.84
CA TRP L 114 4.37 14.68 -25.24
C TRP L 114 4.44 14.47 -23.72
N LEU L 115 5.53 13.86 -23.28
CA LEU L 115 5.76 13.58 -21.87
C LEU L 115 6.28 14.81 -21.12
N ASP L 116 7.11 15.63 -21.76
CA ASP L 116 7.74 16.76 -21.07
C ASP L 116 6.69 17.80 -20.70
N ASP L 117 5.67 17.94 -21.54
CA ASP L 117 4.47 18.70 -21.21
C ASP L 117 3.73 18.03 -20.05
N ASP L 118 4.17 18.32 -18.81
CA ASP L 118 3.72 17.55 -17.62
C ASP L 118 2.26 17.79 -17.16
N THR L 119 1.50 18.60 -17.93
CA THR L 119 0.07 18.84 -17.69
C THR L 119 -0.81 17.88 -18.49
N GLN L 120 -0.28 17.39 -19.60
CA GLN L 120 -0.90 16.31 -20.40
C GLN L 120 -1.30 15.13 -19.52
N GLU L 121 -2.60 14.88 -19.35
CA GLU L 121 -3.06 13.78 -18.49
C GLU L 121 -2.76 12.43 -19.17
N ILE L 122 -2.29 11.45 -18.40
CA ILE L 122 -1.87 10.15 -18.98
C ILE L 122 -2.75 8.96 -18.61
N THR L 123 -3.64 8.61 -19.52
CA THR L 123 -4.49 7.45 -19.43
C THR L 123 -4.32 6.55 -20.66
N ARG L 124 -4.97 5.39 -20.67
CA ARG L 124 -5.03 4.60 -21.88
C ARG L 124 -5.73 5.35 -23.01
N GLY L 125 -6.71 6.18 -22.68
CA GLY L 125 -7.40 6.93 -23.71
C GLY L 125 -6.44 7.90 -24.40
N THR L 126 -5.72 8.60 -23.57
CA THR L 126 -4.75 9.63 -23.97
C THR L 126 -3.60 9.01 -24.79
N VAL L 127 -3.05 7.89 -24.30
CA VAL L 127 -2.02 7.15 -25.03
C VAL L 127 -2.58 6.60 -26.35
N LYS L 128 -3.83 6.14 -26.38
CA LYS L 128 -4.38 5.60 -27.61
C LYS L 128 -4.42 6.69 -28.68
N LEU L 129 -4.88 7.89 -28.29
CA LEU L 129 -4.97 9.04 -29.17
C LEU L 129 -3.59 9.43 -29.69
N LEU L 130 -2.61 9.36 -28.80
CA LEU L 130 -1.25 9.73 -29.16
C LEU L 130 -0.68 8.80 -30.22
N ARG L 131 -1.06 7.53 -30.20
CA ARG L 131 -0.50 6.54 -31.12
C ARG L 131 -1.21 6.55 -32.46
N GLU L 132 -2.44 7.08 -32.49
CA GLU L 132 -3.13 7.26 -33.77
C GLU L 132 -2.53 8.47 -34.51
N PHE L 133 -2.16 9.50 -33.74
CA PHE L 133 -1.54 10.71 -34.28
C PHE L 133 -0.18 10.37 -34.88
N LEU L 134 0.62 9.63 -34.12
CA LEU L 134 1.94 9.22 -34.54
C LEU L 134 1.90 8.20 -35.68
N ASP L 135 0.77 7.53 -35.86
CA ASP L 135 0.64 6.50 -36.90
C ASP L 135 0.86 7.04 -38.32
N GLU L 136 0.43 8.28 -38.57
CA GLU L 136 0.65 8.96 -39.87
C GLU L 136 1.25 10.35 -39.66
#